data_2JPZ
#
_entry.id   2JPZ
#
_entity_poly.entity_id   1
_entity_poly.type   'polydeoxyribonucleotide'
_entity_poly.pdbx_seq_one_letter_code
;(DT)(DT)(DA)(DG)(DG)(DG)(DT)(DT)(DA)(DG)(DG)(DG)(DT)(DT)(DA)(DG)(DG)(DG)(DT)(DT)
(DA)(DG)(DG)(DG)(DT)(DT)
;
_entity_poly.pdbx_strand_id   A
#